data_2F7F
#
_entry.id   2F7F
#
_cell.length_a   71.325
_cell.length_b   110.627
_cell.length_c   154.189
_cell.angle_alpha   90.00
_cell.angle_beta   90.00
_cell.angle_gamma   90.00
#
_symmetry.space_group_name_H-M   'I 2 2 2'
#
loop_
_entity.id
_entity.type
_entity.pdbx_description
1 polymer 'nicotinate phosphoribosyltransferase, putative'
2 non-polymer 'SULFATE ION'
3 non-polymer 'NICOTINIC ACID'
4 non-polymer DIPHOSPHATE
5 non-polymer GLYCEROL
6 water water
#
_entity_poly.entity_id   1
_entity_poly.type   'polypeptide(L)'
_entity_poly.pdbx_seq_one_letter_code
;MDYTYADDSLTLHTDMYQINMMQTYWELGRADLHAVFECYFREMPFNHGYAIFAGLERLVNYLENLTFTESDIAYLREVE
EYPEDFLTYLANFEFKCTVRSALEGDLVFNNEPLIQIEGPLAQCQLVETALLNMVNFQTLIATKAARIKSVIGDDPLLEF
GTRRAQELDAAIWGTRAAYIGGADATSNVRAGKIFGIPVSGTHAHSLVQSYGNDYEAFMAYAKTHRDCVFLVDTYDTLKA
GVPSAIRVAREMGDKINFLGVRIDSGDMAYISKRVREQLDEAGFTEAKIYASNDLDENTILNLKMQKSKIDVWGVGTKLI
TAYDQPALGAVFKLVSIEGEDGQMKDTIKLSSNAEKVTTPGKKQVWRITRKSDKKSEGDYVTLWNEDPRQEEEIYMFHPV
HTFINKYVRDFEARPVLQDIFVEGKRVYELPTLDEIKQYAKENLDSLHEEYKRDLNPQKYPVDLSTDCWNHKMNLLEKVR
KDVKHLTETVNKEA
;
_entity_poly.pdbx_strand_id   A
#
# COMPACT_ATOMS: atom_id res chain seq x y z
N THR A 4 13.71 6.17 30.83
CA THR A 4 14.83 5.83 29.89
C THR A 4 14.26 5.30 28.56
N TYR A 5 14.03 6.17 27.56
CA TYR A 5 13.66 7.60 27.66
C TYR A 5 12.25 7.70 27.06
N ALA A 6 11.60 8.86 27.15
CA ALA A 6 10.20 9.01 26.73
C ALA A 6 9.95 8.77 25.23
N ASP A 7 8.96 7.95 24.90
CA ASP A 7 8.63 7.68 23.50
C ASP A 7 7.78 8.79 22.91
N ASP A 8 8.41 9.94 22.69
CA ASP A 8 7.68 11.13 22.30
C ASP A 8 7.97 11.55 20.88
N SER A 9 8.58 10.67 20.08
CA SER A 9 9.21 11.08 18.83
C SER A 9 9.50 9.93 17.85
N LEU A 10 9.24 10.19 16.58
CA LEU A 10 9.57 9.25 15.49
C LEU A 10 10.87 9.61 14.78
N THR A 11 11.53 10.68 15.21
CA THR A 11 12.71 11.17 14.50
C THR A 11 13.90 10.21 14.56
N LEU A 12 14.01 9.50 15.66
CA LEU A 12 15.02 8.42 15.70
C LEU A 12 14.49 7.05 15.27
N HIS A 13 13.26 6.95 14.75
CA HIS A 13 12.81 5.71 14.08
C HIS A 13 13.53 5.59 12.73
N THR A 14 14.78 5.15 12.81
CA THR A 14 15.70 5.12 11.68
C THR A 14 16.79 4.12 12.04
N ASP A 15 17.62 3.76 11.07
CA ASP A 15 18.78 2.92 11.30
C ASP A 15 19.91 3.76 11.85
N MET A 16 20.62 3.22 12.85
CA MET A 16 21.76 3.93 13.46
CA MET A 16 21.73 3.97 13.44
C MET A 16 22.75 4.40 12.41
N TYR A 17 22.94 3.61 11.38
CA TYR A 17 23.91 4.00 10.39
C TYR A 17 23.57 5.32 9.67
N GLN A 18 22.29 5.71 9.67
CA GLN A 18 21.88 7.04 9.18
C GLN A 18 22.43 8.19 10.01
N ILE A 19 22.41 8.05 11.34
CA ILE A 19 22.91 9.08 12.24
C ILE A 19 24.43 9.16 12.17
N ASN A 20 25.08 8.00 12.04
CA ASN A 20 26.52 8.01 11.87
C ASN A 20 26.96 8.60 10.54
N MET A 21 26.19 8.38 9.47
CA MET A 21 26.48 9.04 8.20
C MET A 21 26.22 10.55 8.24
N MET A 22 25.11 10.95 8.86
CA MET A 22 24.80 12.36 9.05
C MET A 22 25.97 13.06 9.79
N GLN A 23 26.49 12.41 10.84
CA GLN A 23 27.71 12.89 11.52
C GLN A 23 28.94 13.03 10.62
N THR A 24 29.22 12.00 9.84
CA THR A 24 30.32 12.01 8.87
C THR A 24 30.17 13.15 7.84
N TYR A 25 28.95 13.38 7.38
CA TYR A 25 28.66 14.47 6.43
C TYR A 25 28.84 15.81 7.14
N TRP A 26 28.23 15.94 8.32
CA TRP A 26 28.23 17.20 9.03
C TRP A 26 29.61 17.67 9.48
N GLU A 27 30.42 16.77 10.07
CA GLU A 27 31.76 17.12 10.50
C GLU A 27 32.65 17.57 9.36
N LEU A 28 32.39 17.09 8.15
CA LEU A 28 33.27 17.35 7.04
C LEU A 28 32.67 18.39 6.10
N GLY A 29 31.62 19.07 6.59
CA GLY A 29 30.99 20.16 5.86
C GLY A 29 30.25 19.75 4.60
N ARG A 30 29.69 18.55 4.62
CA ARG A 30 28.98 17.98 3.45
C ARG A 30 27.51 17.65 3.71
N ALA A 31 27.01 18.04 4.86
CA ALA A 31 25.64 17.73 5.22
C ALA A 31 24.61 18.38 4.27
N ASP A 32 24.96 19.53 3.69
CA ASP A 32 24.01 20.27 2.86
C ASP A 32 24.42 20.16 1.38
N LEU A 33 25.15 19.10 1.06
CA LEU A 33 25.50 18.84 -0.31
C LEU A 33 24.09 18.63 -0.87
N HIS A 34 23.93 18.77 -2.18
CA HIS A 34 22.61 18.61 -2.79
C HIS A 34 22.47 17.16 -3.25
N ALA A 35 21.40 16.50 -2.86
CA ALA A 35 21.21 15.10 -3.21
C ALA A 35 19.81 14.83 -3.76
N VAL A 36 19.68 13.80 -4.61
CA VAL A 36 18.36 13.24 -4.98
C VAL A 36 18.32 11.75 -4.64
N PHE A 37 17.29 11.32 -3.94
CA PHE A 37 17.12 9.91 -3.58
C PHE A 37 15.78 9.48 -4.12
N GLU A 38 15.68 8.23 -4.58
CA GLU A 38 14.41 7.73 -5.09
C GLU A 38 13.99 6.39 -4.46
N CYS A 39 12.69 6.21 -4.29
CA CYS A 39 12.15 5.00 -3.68
C CYS A 39 11.43 4.20 -4.75
N TYR A 40 11.76 2.91 -4.88
CA TYR A 40 11.11 2.05 -5.90
C TYR A 40 11.17 0.59 -5.46
N PHE A 41 10.30 -0.22 -6.04
CA PHE A 41 10.40 -1.66 -5.85
C PHE A 41 10.72 -2.39 -7.17
N ARG A 42 11.24 -3.61 -7.06
CA ARG A 42 11.83 -4.29 -8.20
C ARG A 42 10.89 -5.31 -8.84
N GLU A 43 10.03 -5.91 -8.03
CA GLU A 43 9.09 -6.92 -8.50
CA GLU A 43 9.10 -6.94 -8.49
C GLU A 43 7.66 -6.60 -8.12
N MET A 44 6.72 -6.96 -8.99
CA MET A 44 5.29 -6.74 -8.73
C MET A 44 4.86 -7.63 -7.59
N PRO A 45 4.30 -7.04 -6.54
CA PRO A 45 3.89 -7.89 -5.41
C PRO A 45 2.82 -8.89 -5.79
N PHE A 46 2.97 -10.14 -5.35
CA PHE A 46 2.02 -11.22 -5.66
C PHE A 46 1.97 -11.54 -7.14
N ASN A 47 2.93 -11.02 -7.91
CA ASN A 47 2.86 -11.04 -9.38
CA ASN A 47 2.87 -11.02 -9.38
C ASN A 47 1.58 -10.38 -9.90
N HIS A 48 1.03 -9.45 -9.14
CA HIS A 48 -0.22 -8.82 -9.53
C HIS A 48 0.05 -7.92 -10.74
N GLY A 49 -1.02 -7.61 -11.49
CA GLY A 49 -0.85 -6.78 -12.68
C GLY A 49 -0.54 -5.30 -12.44
N TYR A 50 -0.87 -4.83 -11.24
CA TYR A 50 -0.70 -3.43 -10.83
C TYR A 50 -0.49 -3.46 -9.29
N ALA A 51 0.10 -2.38 -8.77
CA ALA A 51 0.02 -2.07 -7.34
C ALA A 51 -0.73 -0.77 -7.05
N ILE A 52 -1.23 -0.65 -5.81
CA ILE A 52 -1.92 0.55 -5.37
C ILE A 52 -1.04 1.17 -4.30
N PHE A 53 -0.62 2.42 -4.56
CA PHE A 53 0.24 3.18 -3.65
C PHE A 53 -0.51 3.59 -2.38
N ALA A 54 0.11 3.38 -1.23
CA ALA A 54 -0.39 3.92 0.03
C ALA A 54 0.78 4.30 0.94
N GLY A 55 0.52 5.22 1.87
CA GLY A 55 1.54 5.68 2.81
C GLY A 55 1.78 7.20 2.81
N LEU A 56 1.19 7.95 1.88
CA LEU A 56 1.47 9.41 1.76
C LEU A 56 1.04 10.23 3.00
N GLU A 57 -0.19 10.03 3.49
CA GLU A 57 -0.66 10.79 4.67
C GLU A 57 0.23 10.51 5.88
N ARG A 58 0.53 9.23 6.11
CA ARG A 58 1.45 8.76 7.15
C ARG A 58 2.82 9.46 7.07
N LEU A 59 3.41 9.45 5.88
CA LEU A 59 4.71 10.07 5.66
C LEU A 59 4.66 11.58 5.91
N VAL A 60 3.61 12.21 5.42
CA VAL A 60 3.43 13.66 5.56
C VAL A 60 3.40 14.05 7.04
N ASN A 61 2.64 13.30 7.85
CA ASN A 61 2.56 13.60 9.27
C ASN A 61 3.94 13.44 9.91
N TYR A 62 4.65 12.37 9.54
CA TYR A 62 6.01 12.09 10.03
C TYR A 62 6.94 13.27 9.71
N LEU A 63 6.90 13.73 8.47
CA LEU A 63 7.87 14.75 8.02
C LEU A 63 7.58 16.11 8.67
N GLU A 64 6.29 16.40 8.90
CA GLU A 64 5.86 17.64 9.55
C GLU A 64 6.24 17.71 11.01
N ASN A 65 6.44 16.55 11.65
CA ASN A 65 6.91 16.47 13.02
C ASN A 65 8.38 16.07 13.18
N LEU A 66 9.14 16.19 12.09
CA LEU A 66 10.53 15.74 12.07
C LEU A 66 11.46 16.76 12.75
N THR A 67 11.43 16.74 14.06
CA THR A 67 12.40 17.49 14.86
C THR A 67 12.93 16.54 15.92
N PHE A 68 14.16 16.77 16.36
CA PHE A 68 14.74 15.97 17.42
C PHE A 68 14.30 16.56 18.76
N THR A 69 13.51 15.80 19.52
CA THR A 69 13.07 16.23 20.83
C THR A 69 14.19 16.26 21.88
N GLU A 70 13.86 16.80 23.04
CA GLU A 70 14.78 16.88 24.16
C GLU A 70 15.25 15.49 24.56
N SER A 71 14.32 14.55 24.62
CA SER A 71 14.63 13.16 24.98
C SER A 71 15.38 12.42 23.87
N ASP A 72 15.06 12.73 22.61
CA ASP A 72 15.89 12.26 21.49
C ASP A 72 17.35 12.60 21.71
N ILE A 73 17.63 13.87 22.01
CA ILE A 73 19.01 14.39 22.11
C ILE A 73 19.70 13.86 23.36
N ALA A 74 18.95 13.77 24.44
CA ALA A 74 19.44 13.22 25.69
C ALA A 74 19.91 11.78 25.52
N TYR A 75 19.11 10.96 24.80
CA TYR A 75 19.52 9.58 24.49
C TYR A 75 20.84 9.59 23.74
N LEU A 76 20.92 10.39 22.68
CA LEU A 76 22.11 10.42 21.82
C LEU A 76 23.34 10.93 22.58
N ARG A 77 23.11 11.86 23.50
CA ARG A 77 24.18 12.39 24.38
C ARG A 77 24.57 11.38 25.48
N GLU A 78 23.60 10.91 26.25
CA GLU A 78 23.92 10.16 27.46
C GLU A 78 24.29 8.69 27.17
N VAL A 79 23.56 8.05 26.27
CA VAL A 79 23.85 6.66 25.91
C VAL A 79 24.85 6.54 24.77
N GLU A 80 24.59 7.20 23.65
CA GLU A 80 25.42 6.96 22.48
C GLU A 80 26.63 7.88 22.44
N GLU A 81 26.67 8.87 23.33
CA GLU A 81 27.83 9.76 23.50
C GLU A 81 28.25 10.48 22.22
N TYR A 82 27.28 11.00 21.47
CA TYR A 82 27.60 11.90 20.36
C TYR A 82 28.10 13.24 20.91
N PRO A 83 28.97 13.95 20.16
CA PRO A 83 29.46 15.24 20.62
C PRO A 83 28.41 16.35 20.59
N GLU A 84 28.58 17.36 21.45
CA GLU A 84 27.60 18.43 21.65
C GLU A 84 27.39 19.30 20.41
N ASP A 85 28.49 19.57 19.73
CA ASP A 85 28.47 20.23 18.43
CA ASP A 85 28.54 20.15 18.40
C ASP A 85 27.45 19.59 17.47
N PHE A 86 27.64 18.31 17.13
CA PHE A 86 26.73 17.55 16.26
C PHE A 86 25.30 17.54 16.83
N LEU A 87 25.19 17.41 18.14
CA LEU A 87 23.90 17.39 18.84
C LEU A 87 23.10 18.67 18.72
N THR A 88 23.79 19.80 18.69
CA THR A 88 23.15 21.09 18.51
CA THR A 88 23.11 21.07 18.51
C THR A 88 22.70 21.26 17.06
N TYR A 89 23.51 20.75 16.14
CA TYR A 89 23.08 20.62 14.75
C TYR A 89 21.74 19.84 14.66
N LEU A 90 21.65 18.71 15.36
CA LEU A 90 20.43 17.91 15.38
C LEU A 90 19.27 18.61 16.10
N ALA A 91 19.56 19.29 17.21
CA ALA A 91 18.56 20.10 17.92
C ALA A 91 17.97 21.19 17.02
N ASN A 92 18.80 21.80 16.17
CA ASN A 92 18.34 22.87 15.30
CA ASN A 92 18.39 22.89 15.29
C ASN A 92 17.72 22.38 13.99
N PHE A 93 17.74 21.05 13.79
CA PHE A 93 17.36 20.42 12.52
C PHE A 93 15.94 20.79 12.18
N GLU A 94 15.75 21.31 10.99
CA GLU A 94 14.44 21.24 10.39
C GLU A 94 14.45 20.84 8.93
N PHE A 95 13.41 20.09 8.56
CA PHE A 95 13.32 19.41 7.27
C PHE A 95 13.14 20.45 6.17
N LYS A 96 14.01 20.40 5.16
CA LYS A 96 14.06 21.43 4.12
C LYS A 96 14.23 20.81 2.72
N CYS A 97 13.85 19.54 2.60
CA CYS A 97 13.89 18.83 1.32
C CYS A 97 12.57 18.99 0.60
N THR A 98 12.68 18.95 -0.73
CA THR A 98 11.57 18.76 -1.63
C THR A 98 11.24 17.25 -1.69
N VAL A 99 9.95 16.95 -1.58
CA VAL A 99 9.42 15.57 -1.63
C VAL A 99 8.41 15.56 -2.77
N ARG A 100 8.63 14.68 -3.74
CA ARG A 100 7.67 14.42 -4.81
C ARG A 100 7.19 12.98 -4.68
N SER A 101 5.90 12.73 -4.91
CA SER A 101 5.37 11.40 -4.62
C SER A 101 4.19 11.10 -5.54
N ALA A 102 4.00 9.81 -5.85
CA ALA A 102 2.69 9.28 -6.20
C ALA A 102 1.71 9.59 -5.06
N LEU A 103 0.44 9.67 -5.40
CA LEU A 103 -0.57 9.97 -4.39
C LEU A 103 -1.17 8.65 -3.99
N GLU A 104 -1.78 8.60 -2.80
CA GLU A 104 -2.43 7.37 -2.37
C GLU A 104 -3.55 7.04 -3.34
N GLY A 105 -3.66 5.77 -3.71
CA GLY A 105 -4.66 5.33 -4.68
C GLY A 105 -4.18 5.35 -6.11
N ASP A 106 -2.99 5.92 -6.35
CA ASP A 106 -2.37 5.84 -7.68
C ASP A 106 -2.02 4.37 -7.94
N LEU A 107 -2.16 3.94 -9.18
CA LEU A 107 -1.52 2.72 -9.64
C LEU A 107 -0.03 2.95 -9.74
N VAL A 108 0.74 1.98 -9.23
CA VAL A 108 2.20 2.08 -9.30
C VAL A 108 2.74 0.73 -9.73
N PHE A 109 3.95 0.73 -10.30
CA PHE A 109 4.53 -0.48 -10.89
C PHE A 109 6.00 -0.59 -10.47
N ASN A 110 6.63 -1.71 -10.81
CA ASN A 110 8.04 -1.92 -10.51
C ASN A 110 9.01 -1.11 -11.41
N ASN A 111 10.16 -0.80 -10.85
CA ASN A 111 11.28 -0.16 -11.58
C ASN A 111 11.02 1.27 -12.03
N GLU A 112 10.24 1.98 -11.23
CA GLU A 112 9.97 3.41 -11.47
C GLU A 112 9.93 4.11 -10.11
N PRO A 113 10.42 5.37 -10.04
CA PRO A 113 10.37 6.07 -8.77
C PRO A 113 8.97 6.38 -8.35
N LEU A 114 8.70 6.17 -7.07
CA LEU A 114 7.39 6.38 -6.49
C LEU A 114 7.42 7.52 -5.52
N ILE A 115 8.62 7.76 -4.97
CA ILE A 115 8.86 8.90 -4.09
C ILE A 115 10.25 9.39 -4.39
N GLN A 116 10.42 10.70 -4.45
CA GLN A 116 11.72 11.30 -4.73
C GLN A 116 11.98 12.39 -3.70
N ILE A 117 13.13 12.33 -3.04
CA ILE A 117 13.49 13.34 -2.02
C ILE A 117 14.70 14.10 -2.52
N GLU A 118 14.63 15.42 -2.47
CA GLU A 118 15.70 16.26 -3.04
C GLU A 118 16.06 17.44 -2.12
N GLY A 119 17.32 17.53 -1.72
CA GLY A 119 17.75 18.57 -0.82
C GLY A 119 19.05 18.18 -0.15
N PRO A 120 19.30 18.68 1.07
CA PRO A 120 20.56 18.39 1.77
C PRO A 120 20.71 16.90 1.99
N LEU A 121 21.82 16.37 1.53
CA LEU A 121 22.22 14.98 1.74
C LEU A 121 21.90 14.39 3.12
N ALA A 122 22.28 15.09 4.19
CA ALA A 122 22.07 14.61 5.55
C ALA A 122 20.59 14.51 5.91
N GLN A 123 19.78 15.43 5.40
CA GLN A 123 18.34 15.37 5.64
C GLN A 123 17.65 14.23 4.89
N CYS A 124 17.98 14.09 3.61
CA CYS A 124 17.53 12.95 2.79
C CYS A 124 17.82 11.59 3.47
N GLN A 125 19.06 11.45 3.94
CA GLN A 125 19.54 10.24 4.63
C GLN A 125 18.68 9.89 5.84
N LEU A 126 18.34 10.89 6.68
CA LEU A 126 17.57 10.62 7.88
C LEU A 126 16.21 9.93 7.62
N VAL A 127 15.55 10.31 6.52
CA VAL A 127 14.13 9.95 6.36
C VAL A 127 13.88 8.58 5.70
N GLU A 128 14.93 7.99 5.12
CA GLU A 128 14.78 6.76 4.31
C GLU A 128 14.11 5.60 5.03
N THR A 129 14.60 5.31 6.22
CA THR A 129 14.19 4.11 6.94
C THR A 129 12.71 4.14 7.30
N ALA A 130 12.27 5.27 7.86
CA ALA A 130 10.87 5.43 8.28
C ALA A 130 9.94 5.43 7.08
N LEU A 131 10.36 6.09 6.01
CA LEU A 131 9.55 6.14 4.79
C LEU A 131 9.36 4.74 4.23
N LEU A 132 10.45 3.99 4.15
CA LEU A 132 10.37 2.59 3.70
C LEU A 132 9.44 1.74 4.59
N ASN A 133 9.63 1.84 5.90
CA ASN A 133 8.80 1.13 6.89
C ASN A 133 7.30 1.36 6.64
N MET A 134 6.90 2.61 6.43
CA MET A 134 5.48 2.92 6.29
C MET A 134 4.96 2.64 4.87
N VAL A 135 5.72 3.04 3.86
CA VAL A 135 5.25 2.93 2.46
C VAL A 135 5.27 1.48 1.98
N ASN A 136 6.30 0.73 2.34
CA ASN A 136 6.41 -0.68 1.95
C ASN A 136 5.15 -1.40 2.41
N PHE A 137 4.81 -1.27 3.70
CA PHE A 137 3.69 -2.03 4.25
C PHE A 137 2.33 -1.58 3.69
N GLN A 138 2.09 -0.27 3.69
CA GLN A 138 0.80 0.23 3.29
C GLN A 138 0.51 -0.01 1.81
N THR A 139 1.51 0.15 0.95
CA THR A 139 1.31 -0.21 -0.43
C THR A 139 1.03 -1.72 -0.62
N LEU A 140 1.76 -2.55 0.10
CA LEU A 140 1.59 -3.99 0.03
C LEU A 140 0.16 -4.42 0.36
N ILE A 141 -0.41 -3.88 1.46
CA ILE A 141 -1.75 -4.31 1.91
C ILE A 141 -2.85 -3.72 0.98
N ALA A 142 -2.63 -2.50 0.50
CA ALA A 142 -3.58 -1.89 -0.45
C ALA A 142 -3.66 -2.71 -1.72
N THR A 143 -2.50 -3.19 -2.19
CA THR A 143 -2.46 -4.07 -3.34
C THR A 143 -3.09 -5.44 -3.06
N LYS A 144 -2.77 -6.03 -1.92
CA LYS A 144 -3.42 -7.28 -1.56
C LYS A 144 -4.94 -7.16 -1.54
N ALA A 145 -5.46 -6.05 -1.01
CA ALA A 145 -6.91 -5.86 -0.92
C ALA A 145 -7.53 -5.70 -2.31
N ALA A 146 -6.85 -4.95 -3.18
CA ALA A 146 -7.26 -4.85 -4.58
C ALA A 146 -7.34 -6.20 -5.28
N ARG A 147 -6.34 -7.04 -5.00
CA ARG A 147 -6.21 -8.36 -5.59
C ARG A 147 -7.42 -9.22 -5.18
N ILE A 148 -7.72 -9.19 -3.89
CA ILE A 148 -8.83 -9.95 -3.31
C ILE A 148 -10.19 -9.40 -3.76
N LYS A 149 -10.33 -8.08 -3.75
CA LYS A 149 -11.56 -7.42 -4.17
C LYS A 149 -11.89 -7.68 -5.63
N SER A 150 -10.85 -7.73 -6.47
CA SER A 150 -11.00 -8.07 -7.89
C SER A 150 -11.67 -9.43 -8.11
N VAL A 151 -11.23 -10.43 -7.35
CA VAL A 151 -11.78 -11.76 -7.43
C VAL A 151 -13.21 -11.84 -6.84
N ILE A 152 -13.48 -11.06 -5.79
CA ILE A 152 -14.83 -11.03 -5.18
C ILE A 152 -15.90 -10.41 -6.10
N GLY A 153 -15.56 -9.33 -6.80
CA GLY A 153 -16.55 -8.57 -7.56
C GLY A 153 -17.23 -7.52 -6.70
N ASP A 154 -18.53 -7.32 -6.87
CA ASP A 154 -19.25 -6.23 -6.18
C ASP A 154 -19.63 -6.51 -4.73
N ASP A 155 -19.68 -7.79 -4.36
CA ASP A 155 -19.96 -8.20 -2.98
C ASP A 155 -18.98 -7.62 -1.94
N PRO A 156 -19.45 -7.44 -0.67
CA PRO A 156 -18.59 -6.86 0.37
C PRO A 156 -17.33 -7.66 0.70
N LEU A 157 -16.23 -6.94 0.76
CA LEU A 157 -15.02 -7.44 1.42
C LEU A 157 -14.85 -6.69 2.74
N LEU A 158 -14.81 -7.44 3.83
CA LEU A 158 -14.63 -6.86 5.15
C LEU A 158 -13.29 -7.25 5.73
N GLU A 159 -12.50 -6.24 6.12
CA GLU A 159 -11.17 -6.47 6.66
C GLU A 159 -11.33 -6.75 8.15
N PHE A 160 -11.01 -7.98 8.57
CA PHE A 160 -11.36 -8.50 9.89
C PHE A 160 -10.10 -9.00 10.58
N GLY A 161 -8.94 -8.54 10.11
CA GLY A 161 -7.70 -9.17 10.53
C GLY A 161 -6.92 -8.55 11.67
N THR A 162 -7.48 -7.58 12.39
CA THR A 162 -6.72 -6.89 13.49
C THR A 162 -5.99 -7.87 14.43
N ARG A 163 -6.69 -8.93 14.83
CA ARG A 163 -6.16 -9.88 15.78
C ARG A 163 -4.94 -10.62 15.26
N ARG A 164 -4.82 -10.67 13.93
CA ARG A 164 -3.75 -11.40 13.24
C ARG A 164 -2.67 -10.49 12.74
N ALA A 165 -2.78 -9.19 13.01
CA ALA A 165 -1.85 -8.23 12.35
C ALA A 165 -0.54 -8.17 13.09
N GLN A 166 0.48 -7.65 12.42
CA GLN A 166 1.81 -7.57 12.98
C GLN A 166 1.93 -6.30 13.81
N GLU A 167 1.39 -6.37 15.04
CA GLU A 167 1.34 -5.25 16.01
C GLU A 167 0.34 -4.16 15.56
N LEU A 168 0.24 -3.06 16.33
CA LEU A 168 -1.02 -2.32 16.32
C LEU A 168 -1.11 -1.37 15.15
N ASP A 169 -0.01 -0.68 14.86
CA ASP A 169 0.08 0.15 13.67
C ASP A 169 -0.29 -0.63 12.41
N ALA A 170 0.24 -1.83 12.26
CA ALA A 170 -0.13 -2.71 11.16
C ALA A 170 -1.63 -2.90 11.01
N ALA A 171 -2.32 -3.11 12.14
CA ALA A 171 -3.77 -3.30 12.13
C ALA A 171 -4.51 -2.04 11.66
N ILE A 172 -4.25 -0.90 12.30
CA ILE A 172 -4.94 0.35 11.92
C ILE A 172 -4.55 0.89 10.55
N TRP A 173 -3.26 0.96 10.25
CA TRP A 173 -2.83 1.53 8.98
C TRP A 173 -3.00 0.54 7.84
N GLY A 174 -2.86 -0.75 8.15
CA GLY A 174 -3.17 -1.82 7.22
C GLY A 174 -4.63 -1.83 6.83
N THR A 175 -5.51 -1.62 7.79
CA THR A 175 -6.93 -1.68 7.49
C THR A 175 -7.34 -0.48 6.67
N ARG A 176 -6.69 0.65 6.94
CA ARG A 176 -6.93 1.85 6.14
C ARG A 176 -6.52 1.59 4.70
N ALA A 177 -5.31 1.05 4.50
CA ALA A 177 -4.81 0.65 3.18
C ALA A 177 -5.71 -0.34 2.45
N ALA A 178 -6.26 -1.32 3.21
CA ALA A 178 -7.21 -2.27 2.67
C ALA A 178 -8.46 -1.58 2.12
N TYR A 179 -9.03 -0.67 2.91
CA TYR A 179 -10.14 0.20 2.45
C TYR A 179 -9.77 0.94 1.14
N ILE A 180 -8.64 1.63 1.14
CA ILE A 180 -8.16 2.22 -0.14
C ILE A 180 -8.16 1.23 -1.30
N GLY A 181 -7.59 0.05 -1.10
CA GLY A 181 -7.36 -0.91 -2.16
C GLY A 181 -8.62 -1.67 -2.58
N GLY A 182 -9.64 -1.72 -1.73
CA GLY A 182 -10.87 -2.38 -2.15
C GLY A 182 -11.78 -2.97 -1.09
N ALA A 183 -11.32 -3.07 0.15
CA ALA A 183 -12.23 -3.42 1.24
C ALA A 183 -13.32 -2.40 1.42
N ASP A 184 -14.45 -2.88 1.91
CA ASP A 184 -15.64 -2.06 2.05
C ASP A 184 -15.85 -1.60 3.49
N ALA A 185 -15.19 -2.26 4.44
CA ALA A 185 -15.37 -1.94 5.85
C ALA A 185 -14.24 -2.55 6.63
N THR A 186 -14.09 -2.10 7.88
CA THR A 186 -13.14 -2.71 8.82
C THR A 186 -13.88 -3.24 10.05
N SER A 187 -13.29 -4.19 10.79
CA SER A 187 -13.78 -4.52 12.13
C SER A 187 -13.20 -3.58 13.18
N ASN A 188 -12.07 -2.95 12.85
CA ASN A 188 -11.31 -2.20 13.85
C ASN A 188 -12.02 -0.88 14.21
N VAL A 189 -12.58 -0.81 15.41
CA VAL A 189 -13.38 0.36 15.77
C VAL A 189 -12.55 1.65 15.79
N ARG A 190 -11.32 1.55 16.32
CA ARG A 190 -10.37 2.64 16.40
C ARG A 190 -10.02 3.20 15.01
N ALA A 191 -9.81 2.30 14.03
CA ALA A 191 -9.67 2.76 12.66
C ALA A 191 -10.91 3.49 12.12
N GLY A 192 -12.10 3.07 12.53
CA GLY A 192 -13.30 3.88 12.26
C GLY A 192 -13.24 5.27 12.88
N LYS A 193 -12.98 5.32 14.20
CA LYS A 193 -12.72 6.54 14.95
C LYS A 193 -11.77 7.53 14.29
N ILE A 194 -10.57 7.08 13.96
CA ILE A 194 -9.50 8.00 13.58
C ILE A 194 -9.40 8.19 12.07
N PHE A 195 -9.93 7.24 11.29
CA PHE A 195 -9.81 7.40 9.82
C PHE A 195 -11.16 7.63 9.13
N GLY A 196 -12.23 7.28 9.81
CA GLY A 196 -13.58 7.35 9.24
C GLY A 196 -13.96 6.21 8.30
N ILE A 197 -13.28 5.07 8.42
CA ILE A 197 -13.67 3.86 7.68
C ILE A 197 -15.00 3.32 8.25
N PRO A 198 -15.93 2.90 7.39
CA PRO A 198 -17.11 2.17 7.90
C PRO A 198 -16.73 0.94 8.68
N VAL A 199 -17.42 0.72 9.79
CA VAL A 199 -17.05 -0.35 10.68
C VAL A 199 -18.14 -1.40 10.65
N SER A 200 -17.75 -2.67 10.78
CA SER A 200 -18.68 -3.78 10.63
C SER A 200 -18.41 -4.89 11.65
N GLY A 201 -19.44 -5.67 11.98
CA GLY A 201 -19.25 -6.79 12.89
C GLY A 201 -20.43 -7.74 12.85
N THR A 202 -20.30 -8.89 13.50
CA THR A 202 -21.41 -9.82 13.62
C THR A 202 -21.53 -10.12 15.13
N HIS A 203 -21.33 -11.36 15.56
CA HIS A 203 -20.98 -11.64 16.95
C HIS A 203 -20.02 -12.82 16.93
N ALA A 204 -19.46 -13.18 18.10
CA ALA A 204 -18.52 -14.29 18.25
C ALA A 204 -19.18 -15.55 18.84
N HIS A 205 -18.45 -16.66 18.86
CA HIS A 205 -18.97 -17.89 19.47
C HIS A 205 -19.17 -17.71 20.97
N SER A 206 -18.38 -16.82 21.58
CA SER A 206 -18.42 -16.65 23.04
C SER A 206 -19.83 -16.24 23.52
N LEU A 207 -20.52 -15.39 22.74
CA LEU A 207 -21.93 -15.04 23.01
C LEU A 207 -22.81 -16.27 23.07
N VAL A 208 -22.66 -17.16 22.08
CA VAL A 208 -23.46 -18.37 22.01
C VAL A 208 -23.15 -19.26 23.19
N GLN A 209 -21.86 -19.48 23.45
CA GLN A 209 -21.46 -20.36 24.56
C GLN A 209 -21.88 -19.79 25.92
N SER A 210 -21.92 -18.45 26.04
CA SER A 210 -22.37 -17.84 27.30
C SER A 210 -23.80 -18.28 27.67
N TYR A 211 -24.63 -18.55 26.66
CA TYR A 211 -25.97 -19.17 26.87
C TYR A 211 -26.01 -20.69 26.83
N GLY A 212 -25.12 -21.29 26.03
CA GLY A 212 -25.14 -22.73 25.82
C GLY A 212 -26.00 -23.26 24.70
N ASN A 213 -26.70 -22.38 24.00
CA ASN A 213 -27.46 -22.81 22.84
C ASN A 213 -27.70 -21.63 21.94
N ASP A 214 -27.94 -21.95 20.66
CA ASP A 214 -27.99 -20.95 19.60
C ASP A 214 -29.21 -20.05 19.75
N TYR A 215 -30.38 -20.66 19.97
CA TYR A 215 -31.64 -19.93 19.98
C TYR A 215 -31.61 -18.77 21.00
N GLU A 216 -31.22 -19.08 22.24
CA GLU A 216 -31.21 -18.10 23.31
C GLU A 216 -30.22 -16.98 23.05
N ALA A 217 -29.08 -17.31 22.45
CA ALA A 217 -28.06 -16.29 22.14
C ALA A 217 -28.50 -15.40 20.97
N PHE A 218 -29.08 -16.02 19.94
CA PHE A 218 -29.58 -15.26 18.79
C PHE A 218 -30.73 -14.36 19.21
N MET A 219 -31.64 -14.89 20.01
CA MET A 219 -32.66 -14.04 20.63
C MET A 219 -32.10 -12.89 21.46
N ALA A 220 -31.09 -13.14 22.30
CA ALA A 220 -30.50 -12.07 23.08
C ALA A 220 -29.93 -10.98 22.18
N TYR A 221 -29.24 -11.41 21.12
CA TYR A 221 -28.71 -10.45 20.13
C TYR A 221 -29.83 -9.67 19.42
N ALA A 222 -30.89 -10.36 19.03
CA ALA A 222 -32.06 -9.73 18.36
C ALA A 222 -32.79 -8.70 19.26
N LYS A 223 -32.87 -8.98 20.56
CA LYS A 223 -33.49 -8.06 21.52
C LYS A 223 -32.72 -6.76 21.74
N THR A 224 -31.44 -6.75 21.36
CA THR A 224 -30.52 -5.66 21.70
C THR A 224 -29.91 -4.98 20.46
N HIS A 225 -30.20 -5.53 19.28
CA HIS A 225 -29.70 -4.96 18.01
C HIS A 225 -30.71 -5.10 16.90
N ARG A 226 -30.73 -4.10 16.02
CA ARG A 226 -31.58 -4.11 14.84
C ARG A 226 -30.98 -4.98 13.75
N ASP A 227 -29.74 -4.70 13.37
CA ASP A 227 -29.05 -5.49 12.33
C ASP A 227 -28.46 -6.78 12.83
N CYS A 228 -29.09 -7.89 12.44
CA CYS A 228 -28.74 -9.22 12.95
C CYS A 228 -28.03 -10.12 11.90
N VAL A 229 -26.77 -10.44 12.15
CA VAL A 229 -26.09 -11.56 11.51
C VAL A 229 -25.75 -12.61 12.56
N PHE A 230 -26.31 -13.80 12.42
CA PHE A 230 -26.12 -14.84 13.43
C PHE A 230 -25.02 -15.82 13.00
N LEU A 231 -23.97 -15.93 13.81
CA LEU A 231 -22.95 -16.99 13.68
C LEU A 231 -23.51 -18.39 14.08
N VAL A 232 -23.51 -19.33 13.15
CA VAL A 232 -24.37 -20.53 13.30
C VAL A 232 -23.61 -21.83 13.57
N ASP A 233 -22.28 -21.77 13.62
CA ASP A 233 -21.48 -23.01 13.66
C ASP A 233 -20.86 -23.31 15.02
N THR A 234 -21.44 -22.79 16.10
CA THR A 234 -20.89 -23.13 17.42
C THR A 234 -21.05 -24.64 17.67
N TYR A 235 -22.22 -25.19 17.35
CA TYR A 235 -22.49 -26.58 17.69
C TYR A 235 -22.67 -27.40 16.42
N ASP A 236 -23.54 -26.94 15.53
CA ASP A 236 -23.83 -27.62 14.29
C ASP A 236 -24.60 -26.69 13.37
N THR A 237 -23.96 -26.30 12.27
CA THR A 237 -24.53 -25.31 11.36
C THR A 237 -25.90 -25.72 10.88
N LEU A 238 -26.02 -26.94 10.37
CA LEU A 238 -27.20 -27.37 9.66
C LEU A 238 -28.32 -27.79 10.60
N LYS A 239 -27.95 -28.40 11.72
CA LYS A 239 -28.95 -29.01 12.60
C LYS A 239 -29.36 -28.10 13.75
N ALA A 240 -28.47 -27.20 14.13
CA ALA A 240 -28.67 -26.36 15.30
C ALA A 240 -28.74 -24.88 14.96
N GLY A 241 -27.68 -24.34 14.36
CA GLY A 241 -27.54 -22.91 14.24
C GLY A 241 -28.51 -22.31 13.24
N VAL A 242 -28.53 -22.87 12.03
CA VAL A 242 -29.37 -22.32 10.98
C VAL A 242 -30.88 -22.42 11.28
N PRO A 243 -31.37 -23.60 11.75
CA PRO A 243 -32.76 -23.62 12.23
C PRO A 243 -33.09 -22.60 13.33
N SER A 244 -32.16 -22.39 14.25
CA SER A 244 -32.36 -21.43 15.34
C SER A 244 -32.35 -20.00 14.87
N ALA A 245 -31.45 -19.67 13.94
CA ALA A 245 -31.43 -18.35 13.33
C ALA A 245 -32.79 -18.11 12.67
N ILE A 246 -33.26 -19.10 11.91
CA ILE A 246 -34.54 -19.01 11.21
C ILE A 246 -35.70 -18.82 12.20
N ARG A 247 -35.66 -19.56 13.30
CA ARG A 247 -36.69 -19.41 14.34
C ARG A 247 -36.71 -18.00 14.91
N VAL A 248 -35.54 -17.44 15.17
CA VAL A 248 -35.47 -16.08 15.71
C VAL A 248 -35.98 -15.08 14.70
N ALA A 249 -35.56 -15.25 13.45
CA ALA A 249 -36.03 -14.39 12.38
C ALA A 249 -37.57 -14.39 12.25
N ARG A 250 -38.18 -15.57 12.35
CA ARG A 250 -39.63 -15.72 12.27
C ARG A 250 -40.33 -15.03 13.44
N GLU A 251 -39.85 -15.30 14.66
CA GLU A 251 -40.42 -14.74 15.88
C GLU A 251 -40.27 -13.22 15.97
N MET A 252 -39.16 -12.67 15.47
CA MET A 252 -38.96 -11.21 15.54
C MET A 252 -39.56 -10.43 14.38
N GLY A 253 -39.81 -11.10 13.24
CA GLY A 253 -40.42 -10.42 12.10
C GLY A 253 -39.67 -9.18 11.68
N ASP A 254 -40.41 -8.09 11.46
CA ASP A 254 -39.84 -6.87 10.91
CA ASP A 254 -39.87 -6.84 10.91
C ASP A 254 -39.26 -5.96 12.00
N LYS A 255 -39.28 -6.43 13.25
CA LYS A 255 -38.59 -5.74 14.34
C LYS A 255 -37.06 -5.88 14.29
N ILE A 256 -36.54 -6.79 13.48
CA ILE A 256 -35.10 -6.76 13.18
C ILE A 256 -34.89 -6.75 11.67
N ASN A 257 -33.69 -6.38 11.25
CA ASN A 257 -33.19 -6.85 9.95
C ASN A 257 -32.41 -8.16 10.10
N PHE A 258 -32.96 -9.25 9.57
CA PHE A 258 -32.26 -10.53 9.51
C PHE A 258 -31.30 -10.47 8.31
N LEU A 259 -30.13 -9.87 8.53
CA LEU A 259 -29.20 -9.67 7.44
C LEU A 259 -28.62 -10.99 6.96
N GLY A 260 -28.51 -11.97 7.85
CA GLY A 260 -28.19 -13.33 7.44
C GLY A 260 -27.41 -14.07 8.48
N VAL A 261 -26.52 -14.94 8.02
CA VAL A 261 -25.85 -15.92 8.88
C VAL A 261 -24.38 -15.98 8.51
N ARG A 262 -23.54 -16.22 9.51
CA ARG A 262 -22.07 -16.32 9.33
C ARG A 262 -21.63 -17.75 9.60
N ILE A 263 -20.74 -18.26 8.76
CA ILE A 263 -20.24 -19.60 8.90
C ILE A 263 -18.72 -19.53 8.84
N ASP A 264 -18.07 -20.02 9.89
CA ASP A 264 -16.66 -19.81 10.11
C ASP A 264 -15.82 -21.10 10.03
N SER A 265 -16.40 -22.16 9.45
CA SER A 265 -15.87 -23.52 9.51
C SER A 265 -16.59 -24.42 8.50
N GLY A 266 -15.97 -25.56 8.16
CA GLY A 266 -16.61 -26.59 7.31
C GLY A 266 -16.07 -26.46 5.89
N ASP A 267 -16.47 -27.36 5.00
CA ASP A 267 -16.29 -27.07 3.58
C ASP A 267 -17.42 -26.20 3.08
N MET A 268 -17.08 -24.93 2.86
CA MET A 268 -18.03 -23.89 2.52
C MET A 268 -18.69 -24.08 1.16
N ALA A 269 -18.03 -24.79 0.25
CA ALA A 269 -18.61 -25.08 -1.05
C ALA A 269 -19.74 -26.11 -0.96
N TYR A 270 -19.81 -26.87 0.12
CA TYR A 270 -20.97 -27.73 0.33
C TYR A 270 -21.91 -27.08 1.33
N ILE A 271 -21.35 -26.66 2.47
CA ILE A 271 -22.12 -26.07 3.57
C ILE A 271 -23.01 -24.91 3.11
N SER A 272 -22.43 -23.94 2.38
CA SER A 272 -23.17 -22.73 2.01
C SER A 272 -24.31 -23.06 1.04
N LYS A 273 -24.12 -24.08 0.20
CA LYS A 273 -25.18 -24.48 -0.73
C LYS A 273 -26.40 -25.00 0.03
N ARG A 274 -26.18 -25.83 1.05
CA ARG A 274 -27.31 -26.36 1.84
C ARG A 274 -27.94 -25.29 2.71
N VAL A 275 -27.13 -24.39 3.25
CA VAL A 275 -27.65 -23.28 4.05
C VAL A 275 -28.58 -22.36 3.23
N ARG A 276 -28.16 -22.04 1.99
CA ARG A 276 -28.96 -21.26 1.06
C ARG A 276 -30.33 -21.90 0.88
N GLU A 277 -30.34 -23.20 0.64
CA GLU A 277 -31.59 -23.94 0.58
C GLU A 277 -32.45 -23.81 1.83
N GLN A 278 -31.84 -23.99 3.00
CA GLN A 278 -32.55 -23.85 4.27
C GLN A 278 -33.20 -22.47 4.47
N LEU A 279 -32.43 -21.41 4.20
CA LEU A 279 -32.95 -20.04 4.29
C LEU A 279 -34.10 -19.82 3.30
N ASP A 280 -33.87 -20.21 2.05
CA ASP A 280 -34.84 -20.01 1.00
C ASP A 280 -36.14 -20.74 1.28
N GLU A 281 -36.05 -22.00 1.69
CA GLU A 281 -37.22 -22.84 1.95
C GLU A 281 -38.03 -22.28 3.12
N ALA A 282 -37.35 -21.57 4.03
CA ALA A 282 -38.02 -20.88 5.13
C ALA A 282 -38.60 -19.53 4.77
N GLY A 283 -38.31 -19.04 3.56
CA GLY A 283 -38.83 -17.77 3.11
C GLY A 283 -37.88 -16.59 3.30
N PHE A 284 -36.62 -16.87 3.64
CA PHE A 284 -35.61 -15.82 3.84
C PHE A 284 -34.62 -15.76 2.67
N THR A 285 -35.15 -15.38 1.51
CA THR A 285 -34.43 -15.48 0.26
C THR A 285 -33.53 -14.24 0.08
N GLU A 286 -33.65 -13.28 1.00
CA GLU A 286 -32.72 -12.16 1.05
C GLU A 286 -31.67 -12.25 2.14
N ALA A 287 -31.77 -13.25 3.02
CA ALA A 287 -30.80 -13.37 4.12
C ALA A 287 -29.52 -13.86 3.46
N LYS A 288 -28.41 -13.23 3.83
CA LYS A 288 -27.13 -13.50 3.16
C LYS A 288 -26.28 -14.48 3.95
N ILE A 289 -25.31 -15.07 3.25
CA ILE A 289 -24.35 -15.97 3.89
C ILE A 289 -22.99 -15.28 3.95
N TYR A 290 -22.46 -15.15 5.17
CA TYR A 290 -21.17 -14.49 5.44
C TYR A 290 -20.14 -15.58 5.71
N ALA A 291 -18.99 -15.52 5.05
CA ALA A 291 -17.90 -16.48 5.25
C ALA A 291 -16.69 -15.73 5.81
N SER A 292 -15.88 -16.43 6.63
CA SER A 292 -14.80 -15.76 7.32
C SER A 292 -13.55 -16.60 7.47
N ASN A 293 -13.65 -17.90 7.18
CA ASN A 293 -12.53 -18.81 7.52
C ASN A 293 -11.52 -19.01 6.40
N ASP A 294 -10.25 -18.72 6.68
CA ASP A 294 -9.17 -19.02 5.74
C ASP A 294 -9.31 -18.47 4.30
N LEU A 295 -9.54 -17.18 4.19
CA LEU A 295 -9.94 -16.63 2.90
C LEU A 295 -8.76 -15.87 2.32
N ASP A 296 -8.54 -16.06 1.03
CA ASP A 296 -7.71 -15.16 0.27
C ASP A 296 -8.18 -15.20 -1.19
N GLU A 297 -7.47 -14.53 -2.06
CA GLU A 297 -7.92 -14.38 -3.45
C GLU A 297 -8.04 -15.77 -4.08
N ASN A 298 -7.24 -16.73 -3.63
CA ASN A 298 -7.24 -18.08 -4.22
C ASN A 298 -8.39 -18.95 -3.73
N THR A 299 -8.59 -19.01 -2.43
CA THR A 299 -9.68 -19.82 -1.91
C THR A 299 -11.04 -19.22 -2.23
N ILE A 300 -11.12 -17.88 -2.21
CA ILE A 300 -12.33 -17.16 -2.57
C ILE A 300 -12.68 -17.43 -4.03
N LEU A 301 -11.72 -17.24 -4.93
CA LEU A 301 -12.00 -17.54 -6.36
C LEU A 301 -12.51 -18.96 -6.58
N ASN A 302 -11.85 -19.94 -5.99
CA ASN A 302 -12.30 -21.32 -6.04
C ASN A 302 -13.69 -21.52 -5.46
N LEU A 303 -13.94 -20.99 -4.26
CA LEU A 303 -15.29 -21.10 -3.68
C LEU A 303 -16.36 -20.53 -4.61
N LYS A 304 -16.12 -19.36 -5.20
CA LYS A 304 -17.09 -18.80 -6.12
C LYS A 304 -17.29 -19.71 -7.35
N MET A 305 -16.18 -20.21 -7.89
CA MET A 305 -16.27 -20.96 -9.13
C MET A 305 -16.94 -22.32 -8.91
N GLN A 306 -16.84 -22.83 -7.68
CA GLN A 306 -17.60 -24.02 -7.24
C GLN A 306 -19.09 -23.77 -7.01
N LYS A 307 -19.55 -22.55 -7.29
CA LYS A 307 -20.96 -22.15 -7.11
C LYS A 307 -21.36 -22.17 -5.61
N SER A 308 -20.43 -21.78 -4.74
CA SER A 308 -20.75 -21.54 -3.34
C SER A 308 -21.76 -20.43 -3.26
N LYS A 309 -22.56 -20.43 -2.21
CA LYS A 309 -23.58 -19.39 -2.08
C LYS A 309 -23.15 -18.43 -1.00
N ILE A 310 -22.05 -17.72 -1.22
CA ILE A 310 -21.52 -16.84 -0.20
C ILE A 310 -21.63 -15.43 -0.72
N ASP A 311 -22.17 -14.53 0.09
CA ASP A 311 -22.46 -13.15 -0.31
C ASP A 311 -21.52 -12.10 0.28
N VAL A 312 -20.84 -12.42 1.38
CA VAL A 312 -20.02 -11.42 2.12
C VAL A 312 -18.77 -12.15 2.62
N TRP A 313 -17.62 -11.50 2.46
CA TRP A 313 -16.36 -12.11 2.74
C TRP A 313 -15.63 -11.36 3.84
N GLY A 314 -15.53 -11.98 5.00
CA GLY A 314 -14.72 -11.39 6.07
C GLY A 314 -13.32 -11.96 6.08
N VAL A 315 -12.33 -11.19 5.64
CA VAL A 315 -11.00 -11.70 5.44
C VAL A 315 -10.05 -11.30 6.58
N GLY A 316 -9.36 -12.30 7.14
CA GLY A 316 -8.53 -12.09 8.30
C GLY A 316 -7.06 -12.13 7.95
N THR A 317 -6.41 -13.20 8.39
CA THR A 317 -4.93 -13.31 8.38
C THR A 317 -4.27 -12.94 7.07
N LYS A 318 -4.77 -13.50 5.97
CA LYS A 318 -3.99 -13.51 4.72
C LYS A 318 -3.95 -12.13 4.08
N LEU A 319 -4.97 -11.31 4.32
CA LEU A 319 -4.99 -9.96 3.78
C LEU A 319 -4.06 -9.01 4.58
N ILE A 320 -4.27 -8.94 5.90
CA ILE A 320 -3.67 -7.90 6.74
C ILE A 320 -2.17 -8.12 6.93
N THR A 321 -1.75 -9.37 6.82
CA THR A 321 -0.31 -9.68 6.82
C THR A 321 0.30 -9.89 5.42
N ALA A 322 -0.51 -9.81 4.35
CA ALA A 322 -0.05 -10.14 2.97
C ALA A 322 0.74 -11.45 2.99
N TYR A 323 0.10 -12.49 3.53
CA TYR A 323 0.73 -13.66 4.13
C TYR A 323 1.70 -14.35 3.15
N ASP A 324 1.34 -14.45 1.87
CA ASP A 324 2.14 -15.15 0.86
C ASP A 324 3.37 -14.38 0.41
N GLN A 325 3.41 -13.08 0.70
CA GLN A 325 4.58 -12.26 0.42
C GLN A 325 4.60 -11.05 1.36
N PRO A 326 4.97 -11.27 2.63
CA PRO A 326 4.73 -10.20 3.61
C PRO A 326 5.69 -8.98 3.61
N ALA A 327 6.40 -8.76 2.50
CA ALA A 327 7.25 -7.56 2.31
C ALA A 327 7.25 -7.18 0.81
N LEU A 328 7.29 -5.87 0.50
CA LEU A 328 7.15 -5.37 -0.88
C LEU A 328 8.51 -5.38 -1.58
N GLY A 329 9.53 -5.10 -0.80
CA GLY A 329 10.87 -5.00 -1.33
C GLY A 329 11.16 -3.64 -1.94
N ALA A 330 10.47 -2.59 -1.50
CA ALA A 330 10.93 -1.22 -1.89
C ALA A 330 12.24 -0.79 -1.21
N VAL A 331 13.05 -0.05 -1.95
CA VAL A 331 14.34 0.41 -1.50
C VAL A 331 14.44 1.90 -1.80
N PHE A 332 15.37 2.56 -1.14
CA PHE A 332 15.53 4.02 -1.27
C PHE A 332 16.98 4.25 -1.61
N LYS A 333 17.24 4.86 -2.76
CA LYS A 333 18.57 4.83 -3.37
C LYS A 333 19.04 6.25 -3.76
N LEU A 334 20.34 6.55 -3.59
CA LEU A 334 20.87 7.85 -4.02
C LEU A 334 21.07 7.77 -5.53
N VAL A 335 20.44 8.67 -6.29
CA VAL A 335 20.52 8.65 -7.76
C VAL A 335 21.33 9.81 -8.37
N SER A 336 21.49 10.89 -7.60
CA SER A 336 22.22 12.06 -8.05
C SER A 336 22.75 12.81 -6.84
N ILE A 337 23.97 13.34 -6.96
CA ILE A 337 24.65 14.00 -5.85
C ILE A 337 25.49 15.15 -6.41
N GLU A 338 25.52 16.25 -5.67
CA GLU A 338 26.39 17.38 -5.96
C GLU A 338 27.87 17.01 -5.92
N GLY A 339 28.56 17.22 -7.04
CA GLY A 339 30.00 16.97 -7.13
C GLY A 339 30.81 18.13 -6.60
N GLU A 340 32.13 17.98 -6.63
CA GLU A 340 33.05 19.04 -6.15
C GLU A 340 32.86 20.34 -6.92
N ASP A 341 32.65 20.23 -8.24
CA ASP A 341 32.48 21.38 -9.11
C ASP A 341 31.12 22.08 -8.93
N GLY A 342 30.29 21.53 -8.05
CA GLY A 342 29.00 22.13 -7.72
C GLY A 342 27.88 21.64 -8.61
N GLN A 343 28.24 20.85 -9.62
CA GLN A 343 27.27 20.28 -10.55
C GLN A 343 26.82 18.91 -10.06
N MET A 344 25.57 18.56 -10.38
CA MET A 344 25.01 17.25 -10.05
C MET A 344 25.63 16.13 -10.89
N LYS A 345 25.90 14.99 -10.25
CA LYS A 345 26.49 13.82 -10.88
C LYS A 345 25.57 12.61 -10.70
N ASP A 346 25.26 11.90 -11.78
CA ASP A 346 24.59 10.58 -11.73
C ASP A 346 25.45 9.61 -10.93
N THR A 347 24.84 8.88 -10.00
CA THR A 347 25.56 7.95 -9.11
C THR A 347 25.03 6.54 -9.35
N ILE A 348 25.90 5.53 -9.23
CA ILE A 348 25.54 4.13 -9.49
C ILE A 348 26.19 3.20 -8.46
N LYS A 349 25.52 2.07 -8.20
CA LYS A 349 26.13 0.91 -7.55
C LYS A 349 26.15 -0.26 -8.57
N LEU A 350 27.28 -0.95 -8.71
CA LEU A 350 27.37 -2.08 -9.63
C LEU A 350 26.69 -3.35 -9.13
N SER A 351 25.94 -3.98 -10.02
CA SER A 351 25.57 -5.40 -9.93
C SER A 351 25.84 -6.07 -11.28
N SER A 352 25.67 -7.39 -11.32
CA SER A 352 25.96 -8.18 -12.55
C SER A 352 24.86 -8.04 -13.59
N ASN A 353 23.68 -8.58 -13.26
CA ASN A 353 22.39 -8.19 -13.85
C ASN A 353 22.23 -6.67 -13.97
N ALA A 354 22.42 -6.15 -15.18
CA ALA A 354 22.40 -4.69 -15.42
C ALA A 354 21.01 -4.06 -15.30
N GLU A 355 19.99 -4.90 -15.18
CA GLU A 355 18.66 -4.46 -14.76
C GLU A 355 18.48 -4.38 -13.23
N LYS A 356 19.31 -5.13 -12.49
CA LYS A 356 19.36 -5.09 -11.00
C LYS A 356 20.14 -3.86 -10.49
N VAL A 357 20.73 -3.13 -11.41
CA VAL A 357 21.36 -1.85 -11.13
C VAL A 357 20.30 -0.72 -11.11
N THR A 358 20.29 0.06 -10.03
CA THR A 358 19.45 1.25 -9.92
C THR A 358 19.73 2.21 -11.06
N THR A 359 18.69 2.65 -11.75
CA THR A 359 18.83 3.66 -12.81
C THR A 359 19.15 5.01 -12.19
N PRO A 360 20.27 5.63 -12.62
CA PRO A 360 20.67 6.91 -12.05
C PRO A 360 19.88 8.08 -12.61
N GLY A 361 20.08 9.25 -12.00
CA GLY A 361 19.53 10.49 -12.52
C GLY A 361 18.26 10.84 -11.76
N LYS A 362 17.98 12.13 -11.65
CA LYS A 362 16.68 12.63 -11.17
C LYS A 362 15.69 12.38 -12.29
N LYS A 363 14.64 11.61 -11.99
CA LYS A 363 13.70 11.15 -13.01
C LYS A 363 12.26 11.61 -12.73
N GLN A 364 11.43 11.59 -13.76
CA GLN A 364 9.97 11.63 -13.62
C GLN A 364 9.33 10.43 -14.33
N VAL A 365 8.14 10.05 -13.86
CA VAL A 365 7.40 8.93 -14.44
C VAL A 365 6.19 9.52 -15.16
N TRP A 366 6.07 9.23 -16.44
CA TRP A 366 4.92 9.73 -17.24
C TRP A 366 4.00 8.59 -17.63
N ARG A 367 2.74 8.68 -17.21
CA ARG A 367 1.79 7.66 -17.59
C ARG A 367 1.25 7.99 -18.97
N ILE A 368 1.47 7.10 -19.94
CA ILE A 368 1.14 7.40 -21.34
C ILE A 368 -0.19 6.71 -21.64
N THR A 369 -1.12 7.46 -22.23
CA THR A 369 -2.37 6.89 -22.74
C THR A 369 -2.66 7.44 -24.13
N ARG A 370 -3.35 6.62 -24.92
CA ARG A 370 -3.83 7.00 -26.24
C ARG A 370 -4.97 8.00 -26.09
N LYS A 371 -4.82 9.17 -26.73
CA LYS A 371 -5.78 10.27 -26.55
C LYS A 371 -7.18 9.87 -26.98
N SER A 372 -7.27 9.04 -28.03
CA SER A 372 -8.55 8.77 -28.68
C SER A 372 -9.49 8.07 -27.72
N ASP A 373 -9.02 6.98 -27.11
CA ASP A 373 -9.90 6.17 -26.25
C ASP A 373 -9.31 5.92 -24.87
N LYS A 374 -8.22 6.62 -24.55
CA LYS A 374 -7.54 6.52 -23.26
C LYS A 374 -6.86 5.16 -22.98
N LYS A 375 -6.55 4.41 -24.03
CA LYS A 375 -5.93 3.09 -23.87
C LYS A 375 -4.61 3.24 -23.12
N SER A 376 -4.38 2.40 -22.11
CA SER A 376 -3.08 2.33 -21.40
C SER A 376 -1.95 1.95 -22.34
N GLU A 377 -0.95 2.80 -22.45
CA GLU A 377 0.23 2.48 -23.25
C GLU A 377 1.45 2.11 -22.39
N GLY A 378 1.36 2.27 -21.08
CA GLY A 378 2.48 2.01 -20.20
C GLY A 378 3.05 3.30 -19.59
N ASP A 379 4.03 3.14 -18.71
CA ASP A 379 4.73 4.27 -18.15
C ASP A 379 6.05 4.51 -18.90
N TYR A 380 6.44 5.78 -18.93
CA TYR A 380 7.61 6.21 -19.67
C TYR A 380 8.46 7.06 -18.70
N VAL A 381 9.61 6.53 -18.32
CA VAL A 381 10.39 7.11 -17.23
C VAL A 381 11.50 7.94 -17.88
N THR A 382 11.50 9.25 -17.61
CA THR A 382 12.43 10.16 -18.30
C THR A 382 13.46 10.72 -17.32
N LEU A 383 14.52 11.33 -17.83
CA LEU A 383 15.26 12.26 -17.01
C LEU A 383 14.44 13.55 -16.80
N TRP A 384 14.81 14.32 -15.78
CA TRP A 384 14.02 15.49 -15.38
CA TRP A 384 14.05 15.51 -15.35
C TRP A 384 13.86 16.53 -16.48
N ASN A 385 14.82 16.59 -17.41
CA ASN A 385 14.84 17.59 -18.49
C ASN A 385 14.02 17.23 -19.74
N GLU A 386 13.32 16.10 -19.72
CA GLU A 386 12.47 15.70 -20.85
C GLU A 386 11.02 15.82 -20.48
N ASP A 387 10.22 16.44 -21.35
CA ASP A 387 8.78 16.53 -21.13
C ASP A 387 8.07 16.00 -22.36
N PRO A 388 7.52 14.77 -22.26
CA PRO A 388 6.86 14.05 -23.35
C PRO A 388 5.68 14.82 -23.91
N ARG A 389 5.09 15.68 -23.09
CA ARG A 389 3.94 16.46 -23.49
C ARG A 389 4.25 17.39 -24.66
N GLN A 390 5.51 17.80 -24.79
CA GLN A 390 5.97 18.67 -25.88
C GLN A 390 6.53 17.87 -27.06
N GLU A 391 6.42 16.54 -27.02
CA GLU A 391 6.99 15.73 -28.11
C GLU A 391 5.86 15.11 -28.92
N GLU A 392 5.95 15.25 -30.24
CA GLU A 392 4.94 14.69 -31.11
C GLU A 392 4.93 13.16 -31.11
N GLU A 393 6.09 12.58 -30.84
CA GLU A 393 6.28 11.15 -30.89
C GLU A 393 7.33 10.76 -29.85
N ILE A 394 7.06 9.68 -29.13
CA ILE A 394 8.04 9.11 -28.20
C ILE A 394 8.38 7.66 -28.56
N TYR A 395 9.61 7.27 -28.28
CA TYR A 395 10.04 5.93 -28.57
C TYR A 395 10.03 5.11 -27.28
N MET A 396 9.03 4.22 -27.13
CA MET A 396 8.92 3.34 -25.96
C MET A 396 9.50 1.98 -26.30
N PHE A 397 10.56 1.57 -25.58
CA PHE A 397 11.15 0.25 -25.74
C PHE A 397 11.31 -0.45 -24.39
N HIS A 398 11.28 -1.78 -24.38
CA HIS A 398 11.52 -2.52 -23.14
C HIS A 398 12.99 -2.35 -22.74
N PRO A 399 13.27 -2.01 -21.47
CA PRO A 399 14.66 -1.71 -21.11
C PRO A 399 15.66 -2.86 -21.16
N VAL A 400 15.18 -4.11 -21.01
CA VAL A 400 16.02 -5.29 -21.18
C VAL A 400 15.90 -5.82 -22.63
N HIS A 401 14.66 -6.02 -23.07
CA HIS A 401 14.36 -6.58 -24.40
C HIS A 401 14.15 -5.44 -25.39
N THR A 402 15.22 -4.74 -25.74
CA THR A 402 15.06 -3.49 -26.44
C THR A 402 14.49 -3.67 -27.85
N PHE A 403 14.53 -4.90 -28.39
CA PHE A 403 13.88 -5.23 -29.67
C PHE A 403 12.34 -5.19 -29.59
N ILE A 404 11.80 -5.07 -28.38
CA ILE A 404 10.34 -4.88 -28.22
C ILE A 404 10.12 -3.38 -28.00
N ASN A 405 9.43 -2.75 -28.94
CA ASN A 405 9.39 -1.30 -29.02
C ASN A 405 8.26 -0.78 -29.91
N LYS A 406 7.87 0.47 -29.66
CA LYS A 406 6.81 1.15 -30.43
C LYS A 406 7.10 2.65 -30.40
N TYR A 407 6.80 3.32 -31.50
CA TYR A 407 6.65 4.77 -31.50
C TYR A 407 5.22 5.10 -31.16
N VAL A 408 5.02 6.02 -30.23
CA VAL A 408 3.71 6.46 -29.81
C VAL A 408 3.52 7.93 -30.21
N ARG A 409 2.42 8.22 -30.92
CA ARG A 409 1.98 9.59 -31.23
C ARG A 409 0.58 9.77 -30.65
N ASP A 410 0.08 11.01 -30.69
CA ASP A 410 -1.28 11.34 -30.27
C ASP A 410 -1.62 10.75 -28.91
N PHE A 411 -0.76 11.04 -27.92
CA PHE A 411 -0.86 10.46 -26.57
C PHE A 411 -1.01 11.58 -25.56
N GLU A 412 -1.60 11.26 -24.40
CA GLU A 412 -1.51 12.05 -23.18
CA GLU A 412 -1.46 12.10 -23.21
C GLU A 412 -0.39 11.51 -22.30
N ALA A 413 0.41 12.40 -21.72
CA ALA A 413 1.44 12.00 -20.77
C ALA A 413 1.20 12.70 -19.44
N ARG A 414 0.87 11.93 -18.41
CA ARG A 414 0.58 12.46 -17.07
C ARG A 414 1.72 12.19 -16.10
N PRO A 415 2.31 13.26 -15.51
CA PRO A 415 3.44 13.10 -14.59
C PRO A 415 2.94 12.56 -13.26
N VAL A 416 3.52 11.43 -12.83
CA VAL A 416 3.00 10.70 -11.69
C VAL A 416 3.49 11.27 -10.36
N LEU A 417 4.75 11.68 -10.31
CA LEU A 417 5.30 12.25 -9.07
C LEU A 417 4.82 13.68 -8.91
N GLN A 418 4.08 13.94 -7.83
CA GLN A 418 3.54 15.28 -7.53
C GLN A 418 4.27 15.94 -6.35
N ASP A 419 4.39 17.27 -6.38
CA ASP A 419 4.98 18.03 -5.26
C ASP A 419 4.15 17.86 -4.02
N ILE A 420 4.81 17.43 -2.95
CA ILE A 420 4.15 17.30 -1.67
C ILE A 420 4.70 18.35 -0.71
N PHE A 421 6.01 18.36 -0.55
CA PHE A 421 6.76 19.44 0.14
C PHE A 421 7.68 20.11 -0.86
N VAL A 422 7.76 21.45 -0.84
CA VAL A 422 8.83 22.17 -1.57
C VAL A 422 9.75 22.78 -0.50
N GLU A 423 11.03 22.44 -0.55
CA GLU A 423 12.02 22.82 0.46
C GLU A 423 11.48 22.74 1.87
N GLY A 424 10.83 21.61 2.16
CA GLY A 424 10.33 21.31 3.48
C GLY A 424 8.98 21.91 3.80
N LYS A 425 8.37 22.56 2.80
CA LYS A 425 7.13 23.33 3.02
C LYS A 425 6.02 22.61 2.29
N ARG A 426 4.98 22.21 3.02
CA ARG A 426 3.87 21.49 2.41
C ARG A 426 3.02 22.29 1.45
N VAL A 427 2.95 21.84 0.19
CA VAL A 427 2.15 22.50 -0.81
C VAL A 427 0.97 21.61 -1.24
N TYR A 428 0.82 20.47 -0.57
CA TYR A 428 -0.15 19.46 -1.00
C TYR A 428 -1.18 19.35 0.09
N GLU A 429 -2.45 19.52 -0.29
CA GLU A 429 -3.55 19.38 0.64
C GLU A 429 -3.95 17.88 0.72
N LEU A 430 -4.04 17.34 1.92
CA LEU A 430 -4.36 15.92 2.09
C LEU A 430 -5.83 15.66 1.76
N PRO A 431 -6.10 14.69 0.85
CA PRO A 431 -7.47 14.32 0.56
C PRO A 431 -8.16 13.58 1.71
N THR A 432 -9.48 13.50 1.67
CA THR A 432 -10.17 12.66 2.65
C THR A 432 -9.99 11.20 2.26
N LEU A 433 -10.09 10.30 3.22
CA LEU A 433 -9.99 8.88 2.94
C LEU A 433 -10.97 8.40 1.83
N ASP A 434 -12.21 8.87 1.85
CA ASP A 434 -13.16 8.49 0.78
C ASP A 434 -12.74 8.98 -0.60
N GLU A 435 -12.11 10.16 -0.65
CA GLU A 435 -11.57 10.72 -1.91
C GLU A 435 -10.41 9.89 -2.44
N ILE A 436 -9.57 9.41 -1.53
CA ILE A 436 -8.50 8.49 -1.90
C ILE A 436 -9.07 7.21 -2.52
N LYS A 437 -10.03 6.62 -1.83
CA LYS A 437 -10.66 5.37 -2.29
C LYS A 437 -11.34 5.54 -3.64
N GLN A 438 -12.05 6.67 -3.82
CA GLN A 438 -12.64 7.01 -5.13
C GLN A 438 -11.57 7.19 -6.22
N TYR A 439 -10.48 7.86 -5.87
CA TYR A 439 -9.36 8.05 -6.78
C TYR A 439 -8.80 6.68 -7.20
N ALA A 440 -8.55 5.79 -6.23
CA ALA A 440 -8.13 4.41 -6.52
C ALA A 440 -9.07 3.64 -7.47
N LYS A 441 -10.37 3.71 -7.21
CA LYS A 441 -11.38 3.07 -8.05
C LYS A 441 -11.32 3.57 -9.49
N GLU A 442 -11.20 4.88 -9.67
CA GLU A 442 -11.23 5.49 -10.98
C GLU A 442 -9.94 5.14 -11.73
N ASN A 443 -8.82 5.14 -11.02
CA ASN A 443 -7.54 4.75 -11.65
C ASN A 443 -7.56 3.29 -12.10
N LEU A 444 -8.05 2.40 -11.24
CA LEU A 444 -8.22 1.01 -11.61
C LEU A 444 -9.20 0.80 -12.78
N ASP A 445 -10.38 1.46 -12.72
CA ASP A 445 -11.32 1.42 -13.82
CA ASP A 445 -11.35 1.48 -13.83
C ASP A 445 -10.73 1.86 -15.17
N SER A 446 -9.78 2.81 -15.16
CA SER A 446 -9.16 3.31 -16.39
C SER A 446 -8.05 2.42 -16.95
N LEU A 447 -7.46 1.57 -16.11
CA LEU A 447 -6.43 0.63 -16.57
C LEU A 447 -7.00 -0.37 -17.57
N HIS A 448 -6.32 -0.55 -18.71
CA HIS A 448 -6.75 -1.54 -19.70
C HIS A 448 -6.88 -2.93 -19.10
N GLU A 449 -7.97 -3.61 -19.46
CA GLU A 449 -8.31 -4.93 -18.94
C GLU A 449 -7.18 -5.94 -18.89
N GLU A 450 -6.34 -5.98 -19.92
CA GLU A 450 -5.24 -6.94 -19.94
C GLU A 450 -4.25 -6.84 -18.78
N TYR A 451 -4.04 -5.62 -18.27
CA TYR A 451 -3.09 -5.39 -17.18
C TYR A 451 -3.73 -5.60 -15.81
N LYS A 452 -5.05 -5.59 -15.76
CA LYS A 452 -5.73 -5.72 -14.47
C LYS A 452 -6.49 -7.02 -14.29
N ARG A 453 -6.47 -7.88 -15.30
CA ARG A 453 -7.15 -9.18 -15.18
C ARG A 453 -6.50 -10.07 -14.13
N ASP A 454 -7.32 -10.91 -13.50
CA ASP A 454 -6.88 -11.72 -12.38
C ASP A 454 -5.91 -12.85 -12.77
N LEU A 455 -6.17 -13.50 -13.90
CA LEU A 455 -5.35 -14.62 -14.34
C LEU A 455 -4.29 -14.12 -15.31
N ASN A 456 -3.03 -14.36 -15.01
CA ASN A 456 -1.94 -14.05 -15.96
C ASN A 456 -2.04 -12.66 -16.63
N PRO A 457 -2.04 -11.57 -15.81
CA PRO A 457 -2.18 -10.26 -16.43
C PRO A 457 -0.99 -10.01 -17.35
N GLN A 458 -1.23 -9.29 -18.45
CA GLN A 458 -0.16 -8.76 -19.30
C GLN A 458 0.78 -7.90 -18.47
N LYS A 459 2.07 -7.92 -18.78
CA LYS A 459 3.02 -7.11 -18.05
C LYS A 459 2.94 -5.66 -18.48
N TYR A 460 2.74 -4.77 -17.51
CA TYR A 460 2.56 -3.35 -17.80
C TYR A 460 3.91 -2.71 -18.17
N PRO A 461 4.04 -2.13 -19.41
CA PRO A 461 5.37 -1.55 -19.74
C PRO A 461 5.78 -0.45 -18.78
N VAL A 462 7.00 -0.56 -18.29
CA VAL A 462 7.69 0.55 -17.63
C VAL A 462 9.04 0.76 -18.34
N ASP A 463 9.09 1.77 -19.19
CA ASP A 463 10.16 1.90 -20.20
C ASP A 463 10.97 3.14 -19.84
N LEU A 464 12.28 3.06 -19.97
CA LEU A 464 13.15 4.22 -19.77
C LEU A 464 13.29 4.95 -21.11
N SER A 465 13.29 6.28 -21.10
CA SER A 465 13.48 7.04 -22.35
C SER A 465 14.84 6.69 -22.92
N THR A 466 15.01 6.91 -24.22
CA THR A 466 16.31 6.71 -24.87
C THR A 466 17.42 7.37 -24.05
N ASP A 467 17.18 8.61 -23.63
CA ASP A 467 18.19 9.38 -22.91
C ASP A 467 18.52 8.80 -21.54
N CYS A 468 17.47 8.45 -20.80
CA CYS A 468 17.60 7.87 -19.48
C CYS A 468 18.31 6.52 -19.53
N TRP A 469 17.95 5.70 -20.50
CA TRP A 469 18.57 4.38 -20.72
C TRP A 469 20.05 4.53 -21.13
N ASN A 470 20.35 5.44 -22.07
CA ASN A 470 21.75 5.70 -22.48
C ASN A 470 22.59 6.21 -21.33
N HIS A 471 22.04 7.08 -20.50
CA HIS A 471 22.75 7.58 -19.32
C HIS A 471 23.13 6.47 -18.39
N LYS A 472 22.19 5.55 -18.16
CA LYS A 472 22.43 4.41 -17.28
C LYS A 472 23.55 3.54 -17.84
N MET A 473 23.45 3.21 -19.12
CA MET A 473 24.39 2.23 -19.70
C MET A 473 25.78 2.82 -19.88
N ASN A 474 25.86 4.10 -20.26
CA ASN A 474 27.14 4.81 -20.29
C ASN A 474 27.84 4.90 -18.94
N LEU A 475 27.10 5.25 -17.88
CA LEU A 475 27.67 5.27 -16.54
C LEU A 475 28.12 3.88 -16.09
N LEU A 476 27.29 2.88 -16.34
CA LEU A 476 27.61 1.50 -16.01
C LEU A 476 28.89 1.04 -16.69
N GLU A 477 28.98 1.35 -17.99
CA GLU A 477 30.17 1.08 -18.79
C GLU A 477 31.40 1.79 -18.22
N LYS A 478 31.25 3.07 -17.87
CA LYS A 478 32.34 3.87 -17.31
C LYS A 478 32.89 3.32 -16.00
N VAL A 479 32.00 2.87 -15.11
CA VAL A 479 32.41 2.32 -13.82
C VAL A 479 33.05 0.94 -13.97
N ARG A 480 32.49 0.13 -14.86
CA ARG A 480 33.02 -1.21 -15.15
C ARG A 480 34.41 -1.16 -15.76
N LYS A 481 34.71 -0.06 -16.45
CA LYS A 481 36.00 0.19 -17.07
C LYS A 481 36.94 0.89 -16.08
N ASP A 482 36.39 1.63 -15.14
CA ASP A 482 37.18 2.16 -14.02
C ASP A 482 37.66 1.04 -13.09
N VAL A 483 36.86 -0.01 -13.00
CA VAL A 483 37.15 -1.16 -12.19
C VAL A 483 37.98 -2.14 -12.99
N LYS A 484 38.40 -1.71 -14.17
CA LYS A 484 39.22 -2.55 -15.03
C LYS A 484 40.61 -2.62 -14.43
N HIS A 485 41.02 -1.55 -13.73
CA HIS A 485 42.32 -1.50 -13.03
C HIS A 485 42.18 -1.30 -11.51
#